data_3NPN
#
_entry.id   3NPN
#
_cell.length_a   105.360
_cell.length_b   105.360
_cell.length_c   107.780
_cell.angle_alpha   90.000
_cell.angle_beta   90.000
_cell.angle_gamma   120.000
#
_symmetry.space_group_name_H-M   'H 3 2'
#
loop_
_entity.id
_entity.type
_entity.pdbx_description
1 polymer 'S-ADENOSYLHOMOCYSTEINE RIBOSWITCH'
2 non-polymer S-ADENOSYL-L-HOMOCYSTEINE
#
_entity_poly.entity_id   1
_entity_poly.type   'polyribonucleotide'
_entity_poly.pdbx_seq_one_letter_code
;GGACGAGGAGCGUUGCAAGCGAAAGCCCAGGCUAGUCCGUUCAAACGGCGCUCA
;
_entity_poly.pdbx_strand_id   A
#
loop_
_chem_comp.id
_chem_comp.type
_chem_comp.name
_chem_comp.formula
A RNA linking ADENOSINE-5'-MONOPHOSPHATE 'C10 H14 N5 O7 P'
C RNA linking CYTIDINE-5'-MONOPHOSPHATE 'C9 H14 N3 O8 P'
G RNA linking GUANOSINE-5'-MONOPHOSPHATE 'C10 H14 N5 O8 P'
U RNA linking URIDINE-5'-MONOPHOSPHATE 'C9 H13 N2 O9 P'
#
# COMPACT_ATOMS: atom_id res chain seq x y z
N SAH B . -3.09 -1.34 5.12
CA SAH B . -3.66 -0.09 4.55
CB SAH B . -2.94 0.28 3.26
CG SAH B . -2.83 -0.89 2.27
SD SAH B . -2.21 -0.32 0.73
C SAH B . -5.13 -0.24 4.27
O SAH B . -5.69 -1.34 4.36
OXT SAH B . -5.82 0.71 3.94
C5' SAH B . -0.76 0.57 1.21
C4' SAH B . 0.42 -0.35 1.48
O4' SAH B . 0.62 -1.24 0.37
C3' SAH B . 1.70 0.45 1.65
O3' SAH B . 2.38 0.03 2.82
C2' SAH B . 2.52 0.19 0.39
O2' SAH B . 3.84 -0.29 0.73
C1' SAH B . 1.78 -0.89 -0.38
N9 SAH B . 1.36 -0.40 -1.73
C8 SAH B . 0.09 -0.38 -2.20
N7 SAH B . 0.04 0.13 -3.46
C5 SAH B . 1.29 0.45 -3.82
C6 SAH B . 1.94 1.03 -5.03
N6 SAH B . 1.20 1.38 -6.11
N1 SAH B . 3.28 1.22 -5.00
C2 SAH B . 4.02 0.89 -3.92
N3 SAH B . 3.50 0.35 -2.80
C4 SAH B . 2.16 0.11 -2.68
#